data_8P35
#
_entry.id   8P35
#
_cell.length_a   36.185
_cell.length_b   64.892
_cell.length_c   288.038
_cell.angle_alpha   90
_cell.angle_beta   90
_cell.angle_gamma   90
#
_symmetry.space_group_name_H-M   'P 21 21 21'
#
loop_
_entity.id
_entity.type
_entity.pdbx_description
1 polymer Titin
2 water water
#
_entity_poly.entity_id   1
_entity_poly.type   'polypeptide(L)'
_entity_poly.pdbx_seq_one_letter_code
;GGTGPIFIKEVSNADISMGDVATLSVTVIGIPKPKIQWFFNGVLLTPSADYKFVFDGDDHSLIILFTKLEDEGEYTSMAS
NDYGKTICSAYLKINSKGEG
;
_entity_poly.pdbx_strand_id   A,B,C,D,E,F
#
# COMPACT_ATOMS: atom_id res chain seq x y z
N GLY A 1 -13.25 11.97 -25.27
CA GLY A 1 -13.74 10.56 -25.30
C GLY A 1 -13.56 9.81 -23.98
N GLY A 2 -13.74 10.51 -22.87
CA GLY A 2 -13.56 9.92 -21.55
C GLY A 2 -14.74 10.23 -20.67
N THR A 3 -15.13 9.25 -19.85
CA THR A 3 -16.37 9.35 -19.10
C THR A 3 -16.18 8.95 -17.65
N GLY A 4 -16.83 9.69 -16.74
CA GLY A 4 -16.68 9.40 -15.33
C GLY A 4 -17.46 8.13 -15.03
N PRO A 5 -17.14 7.45 -13.91
CA PRO A 5 -17.72 6.13 -13.67
C PRO A 5 -19.23 6.17 -13.52
N ILE A 6 -19.90 5.13 -14.00
CA ILE A 6 -21.35 4.98 -13.85
C ILE A 6 -21.62 3.65 -13.17
N PHE A 7 -22.45 3.66 -12.12
CA PHE A 7 -22.89 2.41 -11.51
C PHE A 7 -24.09 1.90 -12.28
N ILE A 8 -23.90 0.80 -13.02
CA ILE A 8 -25.01 0.10 -13.66
C ILE A 8 -25.81 -0.70 -12.64
N LYS A 9 -25.12 -1.31 -11.68
CA LYS A 9 -25.74 -1.94 -10.50
C LYS A 9 -25.04 -1.37 -9.27
N GLU A 10 -25.82 -0.74 -8.40
CA GLU A 10 -25.41 -0.17 -7.13
C GLU A 10 -25.46 -1.28 -6.08
N VAL A 11 -24.66 -1.09 -5.02
CA VAL A 11 -24.63 -2.09 -3.96
C VAL A 11 -26.01 -2.17 -3.28
N SER A 12 -26.41 -3.38 -2.92
CA SER A 12 -27.67 -3.67 -2.27
C SER A 12 -27.43 -3.97 -0.79
N ASN A 13 -28.43 -3.65 0.03
CA ASN A 13 -28.43 -4.06 1.42
C ASN A 13 -28.45 -5.57 1.51
N ALA A 14 -27.97 -6.07 2.65
CA ALA A 14 -27.88 -7.50 2.85
C ALA A 14 -28.07 -7.82 4.33
N ASP A 15 -28.68 -8.97 4.61
CA ASP A 15 -28.76 -9.55 5.95
C ASP A 15 -28.14 -10.94 5.94
N ILE A 16 -27.21 -11.15 6.86
CA ILE A 16 -26.36 -12.32 6.85
C ILE A 16 -26.23 -12.87 8.27
N SER A 17 -26.30 -14.19 8.41
CA SER A 17 -26.09 -14.78 9.71
C SER A 17 -24.61 -14.77 10.02
N MET A 18 -24.30 -14.35 11.24
CA MET A 18 -22.94 -14.31 11.72
C MET A 18 -22.23 -15.62 11.41
N GLY A 19 -20.95 -15.49 11.04
CA GLY A 19 -20.16 -16.63 10.60
C GLY A 19 -20.27 -16.95 9.12
N ASP A 20 -21.37 -16.59 8.47
CA ASP A 20 -21.46 -16.88 7.04
C ASP A 20 -20.67 -15.85 6.22
N VAL A 21 -20.52 -16.17 4.94
CA VAL A 21 -19.88 -15.28 3.98
C VAL A 21 -20.91 -14.23 3.56
N ALA A 22 -20.46 -12.98 3.47
CA ALA A 22 -21.24 -11.87 2.94
C ALA A 22 -20.58 -11.35 1.67
N THR A 23 -21.35 -11.07 0.62
CA THR A 23 -20.78 -10.48 -0.58
C THR A 23 -21.61 -9.29 -0.99
N LEU A 24 -20.94 -8.16 -1.22
CA LEU A 24 -21.53 -6.94 -1.76
C LEU A 24 -20.99 -6.69 -3.18
N SER A 25 -21.89 -6.35 -4.11
CA SER A 25 -21.61 -6.38 -5.55
C SER A 25 -22.13 -5.13 -6.21
N VAL A 26 -21.37 -4.63 -7.18
CA VAL A 26 -21.74 -3.50 -8.02
C VAL A 26 -21.36 -3.88 -9.46
N THR A 27 -21.91 -3.14 -10.41
CA THR A 27 -21.49 -3.23 -11.80
C THR A 27 -21.18 -1.81 -12.22
N VAL A 28 -20.01 -1.58 -12.78
CA VAL A 28 -19.54 -0.21 -12.97
C VAL A 28 -19.01 -0.07 -14.38
N ILE A 29 -19.24 1.08 -15.03
CA ILE A 29 -18.56 1.35 -16.30
C ILE A 29 -17.96 2.76 -16.29
N GLY A 30 -16.95 2.97 -17.16
CA GLY A 30 -16.26 4.26 -17.35
C GLY A 30 -15.07 4.19 -18.30
N ILE A 31 -14.55 5.34 -18.73
CA ILE A 31 -13.35 5.46 -19.61
C ILE A 31 -12.41 6.51 -19.01
N PRO A 32 -11.18 6.23 -18.58
CA PRO A 32 -10.67 4.86 -18.48
C PRO A 32 -11.41 3.87 -17.55
N LYS A 33 -11.12 2.57 -17.61
CA LYS A 33 -11.89 1.60 -16.79
C LYS A 33 -11.78 2.04 -15.33
N PRO A 34 -12.89 2.23 -14.61
CA PRO A 34 -12.76 2.76 -13.27
C PRO A 34 -12.11 1.86 -12.19
N LYS A 35 -11.31 2.43 -11.30
CA LYS A 35 -10.87 1.70 -10.13
C LYS A 35 -12.01 1.68 -9.10
N ILE A 36 -12.15 0.55 -8.40
CA ILE A 36 -13.22 0.34 -7.44
C ILE A 36 -12.56 0.26 -6.07
N GLN A 37 -13.05 1.02 -5.11
CA GLN A 37 -12.58 0.97 -3.71
C GLN A 37 -13.80 0.79 -2.81
N TRP A 38 -13.61 0.40 -1.58
CA TRP A 38 -14.71 0.11 -0.66
C TRP A 38 -14.42 0.78 0.67
N PHE A 39 -15.44 1.24 1.36
CA PHE A 39 -15.35 1.87 2.68
C PHE A 39 -16.32 1.18 3.63
N PHE A 40 -15.98 1.07 4.90
CA PHE A 40 -16.84 0.56 5.96
C PHE A 40 -17.04 1.69 6.98
N ASN A 41 -18.28 2.10 7.17
CA ASN A 41 -18.63 3.24 8.02
C ASN A 41 -17.67 4.41 7.78
N GLY A 42 -17.46 4.74 6.52
CA GLY A 42 -16.69 5.92 6.18
C GLY A 42 -15.18 5.78 6.09
N VAL A 43 -14.62 4.61 6.38
CA VAL A 43 -13.16 4.41 6.37
C VAL A 43 -12.82 3.45 5.24
N LEU A 44 -11.85 3.85 4.41
CA LEU A 44 -11.41 3.03 3.29
C LEU A 44 -10.88 1.68 3.76
N LEU A 45 -11.29 0.65 3.09
CA LEU A 45 -10.81 -0.69 3.40
C LEU A 45 -9.57 -0.99 2.55
N THR A 46 -8.55 -1.54 3.21
CA THR A 46 -7.32 -2.00 2.57
C THR A 46 -7.24 -3.52 2.61
N PRO A 47 -6.27 -4.11 1.89
CA PRO A 47 -6.19 -5.58 1.81
C PRO A 47 -6.07 -6.24 3.17
N SER A 48 -6.74 -7.37 3.32
CA SER A 48 -6.80 -8.01 4.62
C SER A 48 -7.11 -9.49 4.46
N ALA A 49 -6.85 -10.23 5.53
CA ALA A 49 -7.23 -11.63 5.59
C ALA A 49 -8.73 -11.79 5.75
N ASP A 50 -9.44 -10.73 6.15
CA ASP A 50 -10.87 -10.85 6.45
C ASP A 50 -11.79 -10.70 5.23
N TYR A 51 -11.34 -10.02 4.19
CA TYR A 51 -12.22 -9.84 3.05
C TYR A 51 -11.41 -9.93 1.75
N LYS A 52 -12.09 -10.20 0.66
CA LYS A 52 -11.48 -10.23 -0.66
C LYS A 52 -12.19 -9.27 -1.59
N PHE A 53 -11.41 -8.60 -2.44
CA PHE A 53 -11.90 -7.76 -3.52
C PHE A 53 -11.80 -8.56 -4.82
N VAL A 54 -12.91 -8.78 -5.50
CA VAL A 54 -12.90 -9.59 -6.70
C VAL A 54 -13.62 -8.85 -7.82
N PHE A 55 -13.23 -9.16 -9.06
CA PHE A 55 -13.82 -8.54 -10.22
C PHE A 55 -13.95 -9.57 -11.33
N ASP A 56 -14.96 -9.37 -12.16
CA ASP A 56 -15.24 -10.22 -13.31
C ASP A 56 -15.85 -9.31 -14.38
N GLY A 57 -15.06 -8.99 -15.41
CA GLY A 57 -15.60 -8.09 -16.42
C GLY A 57 -15.88 -6.72 -15.81
N ASP A 58 -17.12 -6.24 -15.90
CA ASP A 58 -17.49 -4.98 -15.26
C ASP A 58 -18.02 -5.16 -13.83
N ASP A 59 -18.14 -6.37 -13.35
CA ASP A 59 -18.72 -6.64 -12.03
C ASP A 59 -17.62 -6.66 -10.97
N HIS A 60 -17.88 -6.03 -9.82
CA HIS A 60 -16.95 -6.07 -8.71
C HIS A 60 -17.68 -6.46 -7.43
N SER A 61 -17.01 -7.23 -6.58
CA SER A 61 -17.59 -7.71 -5.34
C SER A 61 -16.63 -7.51 -4.18
N LEU A 62 -17.18 -7.20 -3.03
CA LEU A 62 -16.46 -7.27 -1.77
C LEU A 62 -16.97 -8.53 -1.06
N ILE A 63 -16.07 -9.43 -0.70
CA ILE A 63 -16.47 -10.66 -0.05
C ILE A 63 -15.93 -10.65 1.38
N ILE A 64 -16.82 -10.76 2.36
CA ILE A 64 -16.40 -10.85 3.77
C ILE A 64 -16.49 -12.31 4.15
N LEU A 65 -15.33 -12.90 4.45
CA LEU A 65 -15.18 -14.36 4.44
C LEU A 65 -15.93 -15.05 5.58
N PHE A 66 -15.80 -14.53 6.80
CA PHE A 66 -16.51 -15.10 7.97
C PHE A 66 -17.04 -13.91 8.79
N THR A 67 -18.31 -13.55 8.60
CA THR A 67 -18.81 -12.31 9.19
C THR A 67 -18.78 -12.40 10.72
N LYS A 68 -18.31 -11.33 11.35
CA LYS A 68 -18.46 -11.08 12.77
C LYS A 68 -19.57 -10.05 13.00
N LEU A 69 -20.04 -9.98 14.25
CA LEU A 69 -21.05 -8.99 14.60
C LEU A 69 -20.56 -7.59 14.26
N GLU A 70 -19.28 -7.35 14.44
CA GLU A 70 -18.69 -6.04 14.16
C GLU A 70 -18.55 -5.71 12.66
N ASP A 71 -18.91 -6.61 11.75
CA ASP A 71 -18.90 -6.30 10.33
C ASP A 71 -20.19 -5.61 9.91
N GLU A 72 -21.19 -5.54 10.80
CA GLU A 72 -22.44 -4.87 10.48
C GLU A 72 -22.20 -3.39 10.33
N GLY A 73 -22.79 -2.80 9.30
CA GLY A 73 -22.59 -1.39 9.08
C GLY A 73 -22.80 -0.96 7.63
N GLU A 74 -22.42 0.26 7.36
CA GLU A 74 -22.65 0.88 6.09
C GLU A 74 -21.40 0.73 5.23
N TYR A 75 -21.54 0.12 4.08
CA TYR A 75 -20.47 -0.07 3.10
C TYR A 75 -20.68 0.83 1.90
N THR A 76 -19.66 1.51 1.45
CA THR A 76 -19.72 2.42 0.29
C THR A 76 -18.77 1.93 -0.81
N SER A 77 -19.22 1.69 -2.03
CA SER A 77 -18.37 1.39 -3.20
C SER A 77 -18.05 2.74 -3.82
N MET A 78 -16.83 2.95 -4.24
CA MET A 78 -16.43 4.19 -4.94
C MET A 78 -15.79 3.81 -6.25
N ALA A 79 -16.25 4.34 -7.36
CA ALA A 79 -15.63 4.15 -8.66
C ALA A 79 -14.91 5.45 -9.00
N SER A 80 -13.67 5.36 -9.42
CA SER A 80 -12.83 6.53 -9.69
C SER A 80 -12.09 6.39 -11.02
N ASN A 81 -12.03 7.43 -11.82
CA ASN A 81 -11.18 7.48 -13.04
C ASN A 81 -10.76 8.94 -13.22
N ASP A 82 -10.00 9.24 -14.26
CA ASP A 82 -9.50 10.59 -14.44
C ASP A 82 -10.60 11.61 -14.64
N TYR A 83 -11.81 11.18 -15.00
CA TYR A 83 -12.86 12.13 -15.32
C TYR A 83 -13.95 12.17 -14.26
N GLY A 84 -13.78 11.51 -13.14
CA GLY A 84 -14.79 11.64 -12.11
C GLY A 84 -14.74 10.54 -11.08
N LYS A 85 -15.68 10.68 -10.14
CA LYS A 85 -15.90 9.68 -9.13
C LYS A 85 -17.37 9.62 -8.75
N THR A 86 -17.79 8.42 -8.36
CA THR A 86 -19.16 8.11 -8.02
C THR A 86 -19.13 7.14 -6.86
N ILE A 87 -20.10 7.29 -5.98
CA ILE A 87 -20.25 6.46 -4.77
C ILE A 87 -21.70 5.98 -4.61
N CYS A 88 -21.88 4.75 -4.16
CA CYS A 88 -23.19 4.12 -3.85
C CYS A 88 -22.98 3.46 -2.49
N SER A 89 -24.01 3.38 -1.67
CA SER A 89 -23.88 2.84 -0.30
C SER A 89 -25.03 1.90 0.03
N ALA A 90 -24.78 0.96 0.91
CA ALA A 90 -25.76 0.01 1.41
C ALA A 90 -25.41 -0.40 2.83
N TYR A 91 -26.34 -1.11 3.46
CA TYR A 91 -26.19 -1.52 4.85
C TYR A 91 -26.14 -3.04 4.93
N LEU A 92 -25.12 -3.55 5.57
CA LEU A 92 -25.00 -4.99 5.81
C LEU A 92 -25.32 -5.25 7.27
N LYS A 93 -26.41 -5.98 7.51
CA LYS A 93 -26.85 -6.38 8.84
C LYS A 93 -26.34 -7.78 9.12
N ILE A 94 -25.77 -7.98 10.32
CA ILE A 94 -25.29 -9.30 10.72
C ILE A 94 -26.18 -9.81 11.86
N ASN A 95 -26.96 -10.86 11.59
CA ASN A 95 -27.89 -11.47 12.55
C ASN A 95 -27.06 -12.32 13.51
N SER A 96 -26.82 -11.81 14.71
CA SER A 96 -25.97 -12.50 15.65
C SER A 96 -26.72 -13.00 16.87
N LYS A 97 -26.09 -13.95 17.55
CA LYS A 97 -26.56 -14.55 18.80
C LYS A 97 -25.39 -14.50 19.78
N GLY A 98 -25.71 -14.47 21.05
CA GLY A 98 -24.65 -14.60 22.03
C GLY A 98 -24.96 -13.86 23.33
N GLU A 99 -23.87 -13.51 24.00
CA GLU A 99 -23.87 -13.07 25.38
C GLU A 99 -23.03 -11.81 25.46
N GLY A 100 -23.61 -10.75 26.01
CA GLY A 100 -23.02 -9.43 25.98
C GLY A 100 -24.08 -8.41 25.56
N GLY B 2 22.47 19.78 -24.05
CA GLY B 2 22.66 19.82 -22.61
C GLY B 2 21.49 20.42 -21.85
N THR B 3 20.93 19.66 -20.90
CA THR B 3 19.79 20.13 -20.12
C THR B 3 19.77 19.43 -18.77
N GLY B 4 19.36 20.18 -17.75
CA GLY B 4 19.42 19.71 -16.39
C GLY B 4 18.36 18.68 -16.12
N PRO B 5 18.53 17.94 -15.02
CA PRO B 5 17.67 16.78 -14.77
C PRO B 5 16.22 17.16 -14.54
N ILE B 6 15.32 16.35 -15.08
CA ILE B 6 13.88 16.52 -14.93
C ILE B 6 13.28 15.21 -14.46
N PHE B 7 12.48 15.26 -13.41
CA PHE B 7 11.76 14.09 -12.96
C PHE B 7 10.46 13.98 -13.74
N ILE B 8 10.39 12.99 -14.63
CA ILE B 8 9.10 12.68 -15.25
C ILE B 8 8.20 11.97 -14.25
N LYS B 9 8.76 11.13 -13.40
CA LYS B 9 8.01 10.56 -12.28
C LYS B 9 8.80 10.77 -10.99
N GLU B 10 8.17 11.42 -10.01
CA GLU B 10 8.78 11.59 -8.71
C GLU B 10 8.47 10.42 -7.78
N VAL B 11 9.33 10.23 -6.80
CA VAL B 11 9.13 9.14 -5.85
C VAL B 11 7.83 9.39 -5.10
N SER B 12 7.11 8.31 -4.82
CA SER B 12 5.82 8.36 -4.14
C SER B 12 5.93 7.89 -2.70
N ASN B 13 5.08 8.45 -1.86
CA ASN B 13 4.94 7.97 -0.49
C ASN B 13 4.52 6.51 -0.49
N ALA B 14 4.83 5.81 0.60
CA ALA B 14 4.50 4.39 0.71
C ALA B 14 4.14 3.99 2.14
N ASP B 15 3.24 2.99 2.21
CA ASP B 15 2.84 2.27 3.42
C ASP B 15 3.11 0.80 3.17
N ILE B 16 3.94 0.19 4.01
CA ILE B 16 4.44 -1.17 3.79
C ILE B 16 4.48 -1.93 5.12
N SER B 17 4.01 -3.18 5.12
CA SER B 17 4.06 -3.99 6.33
C SER B 17 5.49 -4.46 6.59
N MET B 18 5.94 -4.40 7.86
CA MET B 18 7.31 -4.80 8.18
C MET B 18 7.56 -6.13 7.54
N GLY B 19 8.72 -6.27 6.97
CA GLY B 19 8.98 -7.50 6.24
C GLY B 19 8.59 -7.52 4.77
N ASP B 20 7.65 -6.70 4.32
CA ASP B 20 7.44 -6.71 2.88
C ASP B 20 8.55 -5.87 2.26
N VAL B 21 8.66 -6.03 0.95
CA VAL B 21 9.69 -5.32 0.22
C VAL B 21 9.18 -3.90 -0.02
N ALA B 22 10.09 -2.94 0.01
CA ALA B 22 9.80 -1.58 -0.40
C ALA B 22 10.56 -1.29 -1.67
N THR B 23 9.88 -0.65 -2.65
CA THR B 23 10.49 -0.22 -3.90
C THR B 23 10.14 1.25 -4.06
N LEU B 24 11.16 2.09 -4.20
CA LEU B 24 10.97 3.52 -4.46
C LEU B 24 11.48 3.81 -5.85
N SER B 25 10.66 4.48 -6.67
CA SER B 25 11.00 4.62 -8.09
C SER B 25 10.78 6.04 -8.56
N VAL B 26 11.66 6.45 -9.48
CA VAL B 26 11.60 7.74 -10.16
C VAL B 26 11.84 7.46 -11.64
N THR B 27 11.50 8.42 -12.48
CA THR B 27 11.87 8.38 -13.90
C THR B 27 12.54 9.69 -14.24
N VAL B 28 13.73 9.64 -14.84
CA VAL B 28 14.52 10.86 -15.04
C VAL B 28 15.14 10.91 -16.43
N ILE B 29 15.14 12.12 -16.99
CA ILE B 29 15.78 12.46 -18.26
C ILE B 29 16.65 13.71 -18.04
N GLY B 30 17.67 13.84 -18.88
CA GLY B 30 18.55 15.01 -18.93
C GLY B 30 19.77 14.65 -19.77
N ILE B 31 20.53 15.66 -20.23
CA ILE B 31 21.72 15.43 -21.04
C ILE B 31 22.89 16.23 -20.45
N PRO B 32 24.02 15.58 -20.11
CA PRO B 32 24.25 14.13 -20.16
C PRO B 32 23.27 13.36 -19.26
N LYS B 33 23.24 12.04 -19.40
CA LYS B 33 22.25 11.27 -18.66
C LYS B 33 22.48 11.48 -17.16
N PRO B 34 21.46 11.87 -16.40
CA PRO B 34 21.73 12.28 -15.01
C PRO B 34 22.16 11.11 -14.13
N LYS B 35 23.04 11.41 -13.20
CA LYS B 35 23.31 10.50 -12.11
C LYS B 35 22.18 10.59 -11.09
N ILE B 36 21.81 9.45 -10.49
CA ILE B 36 20.75 9.37 -9.51
C ILE B 36 21.38 8.92 -8.22
N GLN B 37 21.09 9.60 -7.14
CA GLN B 37 21.56 9.19 -5.84
C GLN B 37 20.38 9.26 -4.90
N TRP B 38 20.50 8.56 -3.78
CA TRP B 38 19.41 8.44 -2.85
C TRP B 38 19.89 8.74 -1.45
N PHE B 39 19.01 9.37 -0.67
CA PHE B 39 19.26 9.72 0.71
C PHE B 39 18.17 9.11 1.58
N PHE B 40 18.56 8.76 2.81
CA PHE B 40 17.64 8.34 3.87
C PHE B 40 17.85 9.33 5.01
N ASN B 41 16.79 10.06 5.35
CA ASN B 41 16.82 11.16 6.32
C ASN B 41 18.04 12.06 6.11
N GLY B 42 18.28 12.42 4.86
CA GLY B 42 19.37 13.33 4.58
C GLY B 42 20.75 12.73 4.40
N VAL B 43 20.92 11.43 4.59
CA VAL B 43 22.25 10.82 4.52
C VAL B 43 22.32 9.99 3.24
N LEU B 44 23.36 10.23 2.44
CA LEU B 44 23.48 9.52 1.18
C LEU B 44 23.62 8.01 1.43
N LEU B 45 22.89 7.23 0.64
CA LEU B 45 22.96 5.79 0.74
C LEU B 45 24.04 5.28 -0.22
N THR B 46 24.96 4.51 0.31
CA THR B 46 26.00 3.80 -0.45
C THR B 46 25.62 2.33 -0.49
N PRO B 47 26.32 1.52 -1.29
CA PRO B 47 25.93 0.10 -1.44
C PRO B 47 25.89 -0.69 -0.14
N SER B 48 24.93 -1.60 -0.05
CA SER B 48 24.68 -2.38 1.15
C SER B 48 24.00 -3.70 0.82
N ALA B 49 24.09 -4.63 1.75
CA ALA B 49 23.38 -5.90 1.58
C ALA B 49 21.88 -5.80 1.83
N ASP B 50 21.41 -4.74 2.50
CA ASP B 50 20.00 -4.67 2.86
C ASP B 50 19.13 -4.02 1.78
N TYR B 51 19.71 -3.20 0.90
CA TYR B 51 18.94 -2.55 -0.16
C TYR B 51 19.78 -2.50 -1.41
N LYS B 52 19.10 -2.37 -2.57
CA LYS B 52 19.74 -2.36 -3.89
C LYS B 52 19.24 -1.26 -4.82
N PHE B 53 20.15 -0.73 -5.64
CA PHE B 53 19.83 0.27 -6.66
C PHE B 53 19.66 -0.40 -8.00
N VAL B 54 18.52 -0.15 -8.68
CA VAL B 54 18.32 -0.71 -10.00
C VAL B 54 17.85 0.38 -10.95
N PHE B 55 18.15 0.16 -12.24
CA PHE B 55 17.74 1.09 -13.27
C PHE B 55 17.24 0.31 -14.47
N ASP B 56 16.28 0.92 -15.15
CA ASP B 56 15.73 0.35 -16.39
C ASP B 56 15.38 1.53 -17.29
N GLY B 57 16.15 1.73 -18.35
CA GLY B 57 15.89 2.91 -19.19
C GLY B 57 16.07 4.15 -18.33
N ASP B 58 15.07 5.02 -18.35
CA ASP B 58 15.05 6.23 -17.55
C ASP B 58 14.50 5.98 -16.15
N ASP B 59 14.14 4.75 -15.82
CA ASP B 59 13.60 4.46 -14.50
C ASP B 59 14.73 4.04 -13.57
N HIS B 60 14.63 4.46 -12.33
CA HIS B 60 15.57 4.04 -11.31
C HIS B 60 14.79 3.68 -10.07
N SER B 61 15.23 2.64 -9.37
CA SER B 61 14.54 2.18 -8.19
C SER B 61 15.56 1.91 -7.11
N LEU B 62 15.12 2.15 -5.88
CA LEU B 62 15.77 1.69 -4.67
C LEU B 62 14.91 0.56 -4.12
N ILE B 63 15.51 -0.61 -3.94
CA ILE B 63 14.76 -1.76 -3.45
C ILE B 63 15.28 -2.08 -2.07
N ILE B 64 14.40 -2.03 -1.08
CA ILE B 64 14.71 -2.47 0.26
C ILE B 64 14.05 -3.83 0.42
N LEU B 65 14.91 -4.83 0.59
CA LEU B 65 14.51 -6.25 0.59
C LEU B 65 13.57 -6.59 1.74
N PHE B 66 13.98 -6.42 2.98
CA PHE B 66 13.12 -6.80 4.12
C PHE B 66 12.98 -5.55 4.95
N THR B 67 11.82 -4.94 4.85
CA THR B 67 11.60 -3.67 5.54
C THR B 67 11.71 -3.95 7.05
N LYS B 68 12.33 -3.03 7.75
CA LYS B 68 12.42 -3.10 9.20
C LYS B 68 11.77 -1.82 9.67
N LEU B 69 11.37 -1.72 10.90
CA LEU B 69 10.75 -0.49 11.42
C LEU B 69 11.80 0.62 11.35
N GLU B 70 13.08 0.27 11.42
CA GLU B 70 14.21 1.23 11.38
C GLU B 70 14.39 1.78 9.97
N ASP B 71 13.70 1.23 8.98
CA ASP B 71 13.75 1.72 7.60
C ASP B 71 12.68 2.78 7.33
N GLU B 72 11.75 2.97 8.25
CA GLU B 72 10.77 4.01 8.10
C GLU B 72 11.44 5.39 8.21
N GLY B 73 11.04 6.30 7.33
CA GLY B 73 11.63 7.63 7.31
C GLY B 73 11.54 8.22 5.92
N GLU B 74 12.28 9.31 5.72
CA GLU B 74 12.17 10.11 4.50
C GLU B 74 13.24 9.70 3.49
N TYR B 75 12.81 9.37 2.28
CA TYR B 75 13.73 8.98 1.21
C TYR B 75 13.73 10.08 0.14
N THR B 76 14.93 10.50 -0.28
CA THR B 76 15.11 11.58 -1.25
C THR B 76 15.89 11.04 -2.44
N SER B 77 15.43 11.35 -3.63
CA SER B 77 16.14 11.03 -4.86
C SER B 77 16.72 12.32 -5.39
N MET B 78 17.97 12.27 -5.83
CA MET B 78 18.61 13.40 -6.45
C MET B 78 19.16 13.02 -7.81
N ALA B 79 18.85 13.82 -8.82
CA ALA B 79 19.39 13.63 -10.17
C ALA B 79 20.33 14.79 -10.50
N SER B 80 21.51 14.47 -11.01
CA SER B 80 22.56 15.45 -11.25
C SER B 80 23.21 15.26 -12.60
N ASN B 81 23.46 16.37 -13.30
CA ASN B 81 24.45 16.37 -14.38
C ASN B 81 25.09 17.75 -14.44
N ASP B 82 25.91 17.96 -15.47
CA ASP B 82 26.67 19.20 -15.54
C ASP B 82 25.77 20.42 -15.64
N TYR B 83 24.50 20.28 -15.95
CA TYR B 83 23.68 21.46 -16.18
C TYR B 83 22.66 21.72 -15.08
N GLY B 84 22.67 20.93 -14.00
CA GLY B 84 21.79 21.24 -12.89
C GLY B 84 21.62 20.04 -11.99
N LYS B 85 20.78 20.25 -10.97
CA LYS B 85 20.42 19.18 -10.03
C LYS B 85 18.98 19.39 -9.61
N THR B 86 18.30 18.29 -9.28
CA THR B 86 16.91 18.30 -8.85
C THR B 86 16.68 17.16 -7.86
N ILE B 87 15.80 17.40 -6.91
CA ILE B 87 15.50 16.43 -5.89
C ILE B 87 14.01 16.37 -5.62
N CYS B 88 13.56 15.19 -5.19
CA CYS B 88 12.22 14.98 -4.68
C CYS B 88 12.28 13.97 -3.55
N SER B 89 11.28 14.00 -2.68
CA SER B 89 11.26 13.22 -1.45
C SER B 89 9.93 12.54 -1.23
N ALA B 90 9.95 11.42 -0.50
CA ALA B 90 8.73 10.73 -0.10
C ALA B 90 8.99 10.07 1.25
N TYR B 91 7.93 9.65 1.91
CA TYR B 91 7.99 8.99 3.22
C TYR B 91 7.66 7.52 3.05
N LEU B 92 8.46 6.66 3.65
CA LEU B 92 8.20 5.23 3.69
C LEU B 92 7.75 4.87 5.10
N LYS B 93 6.47 4.50 5.22
CA LYS B 93 5.89 4.06 6.49
C LYS B 93 5.94 2.55 6.56
N ILE B 94 6.44 2.02 7.67
CA ILE B 94 6.49 0.60 7.93
C ILE B 94 5.53 0.31 9.08
N ASN B 95 4.47 -0.45 8.82
CA ASN B 95 3.57 -0.88 9.88
C ASN B 95 4.06 -2.22 10.41
N SER B 96 4.08 -2.38 11.72
CA SER B 96 4.51 -3.64 12.31
C SER B 96 3.84 -3.81 13.66
N LYS B 97 4.09 -4.98 14.27
CA LYS B 97 3.48 -5.42 15.52
C LYS B 97 4.58 -6.00 16.40
N GLY B 98 4.60 -5.67 17.69
CA GLY B 98 5.55 -6.32 18.57
C GLY B 98 5.63 -5.71 19.95
N GLU B 99 6.67 -6.14 20.68
CA GLU B 99 6.97 -5.65 22.02
C GLU B 99 7.91 -4.45 21.94
N GLY B 100 7.60 -3.40 22.69
CA GLY B 100 8.34 -2.15 22.60
C GLY B 100 7.33 -1.04 22.55
N GLY C 1 -4.16 -39.26 24.54
CA GLY C 1 -3.32 -39.25 23.31
C GLY C 1 -3.68 -38.14 22.31
N GLY C 2 -4.75 -38.36 21.57
CA GLY C 2 -5.31 -37.37 20.67
C GLY C 2 -6.70 -37.79 20.26
N THR C 3 -7.25 -37.09 19.26
CA THR C 3 -8.55 -37.49 18.74
C THR C 3 -8.66 -37.13 17.27
N GLY C 4 -9.30 -38.03 16.51
CA GLY C 4 -9.47 -37.89 15.09
C GLY C 4 -10.49 -36.83 14.73
N PRO C 5 -10.48 -36.41 13.48
CA PRO C 5 -11.31 -35.27 13.09
C PRO C 5 -12.80 -35.57 13.25
N ILE C 6 -13.54 -34.57 13.70
CA ILE C 6 -14.99 -34.65 13.89
C ILE C 6 -15.61 -33.47 13.16
N PHE C 7 -16.56 -33.73 12.25
CA PHE C 7 -17.28 -32.65 11.61
C PHE C 7 -18.36 -32.21 12.59
N ILE C 8 -18.14 -31.05 13.21
CA ILE C 8 -19.21 -30.43 14.00
C ILE C 8 -20.29 -29.93 13.06
N LYS C 9 -19.87 -29.42 11.90
CA LYS C 9 -20.78 -29.05 10.84
C LYS C 9 -20.30 -29.66 9.53
N GLU C 10 -21.16 -30.45 8.90
CA GLU C 10 -20.91 -31.06 7.62
C GLU C 10 -21.32 -30.11 6.50
N VAL C 11 -20.72 -30.34 5.33
CA VAL C 11 -21.06 -29.53 4.18
C VAL C 11 -22.52 -29.73 3.84
N SER C 12 -23.17 -28.65 3.41
CA SER C 12 -24.58 -28.68 3.00
C SER C 12 -24.70 -28.39 1.51
N ASN C 13 -25.76 -28.92 0.90
CA ASN C 13 -26.05 -28.63 -0.49
C ASN C 13 -26.35 -27.15 -0.70
N ALA C 14 -26.11 -26.67 -1.92
CA ALA C 14 -26.33 -25.27 -2.24
C ALA C 14 -26.71 -25.13 -3.72
N ASP C 15 -27.58 -24.16 -4.00
CA ASP C 15 -27.90 -23.77 -5.37
C ASP C 15 -27.58 -22.29 -5.53
N ILE C 16 -26.78 -21.99 -6.55
CA ILE C 16 -26.14 -20.69 -6.75
C ILE C 16 -26.33 -20.31 -8.21
N SER C 17 -26.68 -19.05 -8.46
CA SER C 17 -26.83 -18.59 -9.83
C SER C 17 -25.48 -18.40 -10.48
N MET C 18 -25.40 -18.82 -11.75
CA MET C 18 -24.18 -18.72 -12.52
C MET C 18 -23.59 -17.32 -12.41
N GLY C 19 -22.26 -17.25 -12.32
CA GLY C 19 -21.51 -16.03 -12.16
C GLY C 19 -21.34 -15.56 -10.72
N ASP C 20 -22.28 -15.91 -9.85
CA ASP C 20 -22.23 -15.52 -8.44
C ASP C 20 -21.20 -16.34 -7.67
N VAL C 21 -20.97 -15.91 -6.44
CA VAL C 21 -20.02 -16.55 -5.52
C VAL C 21 -20.72 -17.76 -4.88
N ALA C 22 -20.04 -18.90 -4.85
CA ALA C 22 -20.52 -20.10 -4.17
C ALA C 22 -19.61 -20.42 -2.99
N THR C 23 -20.25 -20.76 -1.85
CA THR C 23 -19.56 -21.12 -0.61
C THR C 23 -20.06 -22.44 -0.04
N LEU C 24 -19.12 -23.37 0.20
CA LEU C 24 -19.38 -24.62 0.94
C LEU C 24 -18.53 -24.59 2.19
N SER C 25 -19.10 -24.96 3.33
CA SER C 25 -18.46 -24.69 4.62
C SER C 25 -18.58 -25.92 5.51
N VAL C 26 -17.57 -26.11 6.38
CA VAL C 26 -17.59 -27.13 7.41
C VAL C 26 -17.09 -26.53 8.72
N THR C 27 -17.38 -27.20 9.81
CA THR C 27 -16.73 -26.92 11.07
C THR C 27 -16.11 -28.21 11.60
N VAL C 28 -14.84 -28.16 11.98
CA VAL C 28 -14.09 -29.36 12.31
C VAL C 28 -13.26 -29.14 13.55
N ILE C 29 -13.25 -30.15 14.40
CA ILE C 29 -12.41 -30.20 15.60
C ILE C 29 -11.67 -31.52 15.54
N GLY C 30 -10.58 -31.56 16.29
CA GLY C 30 -9.75 -32.74 16.48
C GLY C 30 -8.41 -32.29 17.01
N ILE C 31 -7.69 -33.25 17.60
CA ILE C 31 -6.38 -33.00 18.16
C ILE C 31 -5.42 -34.05 17.59
N PRO C 32 -4.31 -33.65 16.91
CA PRO C 32 -3.92 -32.28 16.54
C PRO C 32 -4.94 -31.60 15.63
N LYS C 33 -4.79 -30.29 15.39
CA LYS C 33 -5.78 -29.55 14.60
C LYS C 33 -5.82 -30.12 13.18
N PRO C 34 -7.00 -30.50 12.68
CA PRO C 34 -7.07 -31.16 11.40
C PRO C 34 -6.82 -30.30 10.15
N LYS C 35 -6.22 -30.87 9.11
CA LYS C 35 -6.05 -30.22 7.79
C LYS C 35 -7.33 -30.49 7.02
N ILE C 36 -7.74 -29.59 6.18
CA ILE C 36 -8.97 -29.72 5.37
C ILE C 36 -8.58 -29.72 3.90
N GLN C 37 -9.04 -30.70 3.15
CA GLN C 37 -8.82 -30.79 1.69
C GLN C 37 -10.21 -30.87 1.10
N TRP C 38 -10.38 -30.57 -0.16
CA TRP C 38 -11.63 -30.56 -0.90
C TRP C 38 -11.53 -31.37 -2.19
N PHE C 39 -12.63 -32.06 -2.57
CA PHE C 39 -12.74 -32.82 -3.80
C PHE C 39 -13.91 -32.33 -4.63
N PHE C 40 -13.75 -32.36 -5.95
CA PHE C 40 -14.85 -32.06 -6.86
C PHE C 40 -15.13 -33.29 -7.72
N ASN C 41 -16.35 -33.78 -7.67
CA ASN C 41 -16.74 -34.99 -8.39
C ASN C 41 -15.68 -36.07 -8.24
N GLY C 42 -15.19 -36.25 -7.02
CA GLY C 42 -14.24 -37.30 -6.72
C GLY C 42 -12.77 -37.00 -6.93
N VAL C 43 -12.44 -35.82 -7.43
CA VAL C 43 -11.07 -35.44 -7.76
C VAL C 43 -10.62 -34.30 -6.84
N LEU C 44 -9.45 -34.47 -6.23
CA LEU C 44 -8.89 -33.51 -5.29
C LEU C 44 -8.67 -32.16 -5.97
N LEU C 45 -9.03 -31.08 -5.26
CA LEU C 45 -8.79 -29.73 -5.78
C LEU C 45 -7.41 -29.22 -5.38
N THR C 46 -6.70 -28.63 -6.33
CA THR C 46 -5.40 -28.02 -6.11
C THR C 46 -5.53 -26.52 -6.13
N PRO C 47 -4.47 -25.80 -5.74
CA PRO C 47 -4.54 -24.34 -5.70
C PRO C 47 -4.91 -23.76 -7.04
N SER C 48 -5.77 -22.74 -7.01
CA SER C 48 -6.29 -22.20 -8.25
C SER C 48 -6.73 -20.77 -8.01
N ALA C 49 -6.84 -20.03 -9.11
CA ALA C 49 -7.39 -18.68 -9.12
C ALA C 49 -8.90 -18.71 -9.09
N ASP C 50 -9.51 -19.85 -9.35
CA ASP C 50 -10.96 -19.89 -9.46
C ASP C 50 -11.65 -20.14 -8.13
N TYR C 51 -10.92 -20.66 -7.18
CA TYR C 51 -11.46 -20.97 -5.85
C TYR C 51 -10.42 -20.75 -4.77
N LYS C 52 -10.88 -20.51 -3.55
CA LYS C 52 -10.01 -20.21 -2.39
C LYS C 52 -10.38 -21.12 -1.23
N PHE C 53 -9.40 -21.67 -0.54
CA PHE C 53 -9.61 -22.48 0.67
C PHE C 53 -9.32 -21.54 1.84
N VAL C 54 -10.33 -21.17 2.64
CA VAL C 54 -10.12 -20.21 3.72
C VAL C 54 -10.65 -20.81 5.00
N PHE C 55 -10.09 -20.36 6.11
CA PHE C 55 -10.53 -20.85 7.41
C PHE C 55 -10.45 -19.77 8.47
N ASP C 56 -11.26 -19.96 9.49
CA ASP C 56 -11.28 -19.08 10.64
C ASP C 56 -11.57 -19.94 11.86
N GLY C 57 -10.56 -20.12 12.69
CA GLY C 57 -10.76 -21.01 13.83
C GLY C 57 -11.00 -22.40 13.27
N ASP C 58 -12.09 -23.04 13.70
CA ASP C 58 -12.48 -24.38 13.28
C ASP C 58 -13.34 -24.37 12.04
N ASP C 59 -13.66 -23.20 11.52
CA ASP C 59 -14.52 -23.09 10.34
C ASP C 59 -13.63 -23.03 9.10
N HIS C 60 -14.02 -23.79 8.06
CA HIS C 60 -13.31 -23.86 6.80
C HIS C 60 -14.31 -23.72 5.66
N SER C 61 -13.95 -23.00 4.63
CA SER C 61 -14.86 -22.85 3.52
C SER C 61 -14.10 -23.01 2.22
N LEU C 62 -14.83 -23.53 1.24
CA LEU C 62 -14.42 -23.49 -0.16
C LEU C 62 -15.24 -22.37 -0.81
N ILE C 63 -14.56 -21.40 -1.40
CA ILE C 63 -15.22 -20.29 -2.07
C ILE C 63 -14.86 -20.40 -3.54
N ILE C 64 -15.86 -20.56 -4.38
CA ILE C 64 -15.71 -20.57 -5.85
C ILE C 64 -16.04 -19.13 -6.23
N LEU C 65 -15.07 -18.36 -6.68
CA LEU C 65 -15.24 -16.90 -6.91
C LEU C 65 -16.24 -16.60 -8.02
N PHE C 66 -16.14 -17.26 -9.16
CA PHE C 66 -16.99 -16.96 -10.34
C PHE C 66 -17.57 -18.28 -10.86
N THR C 67 -18.82 -18.58 -10.53
CA THR C 67 -19.43 -19.89 -10.84
C THR C 67 -19.67 -20.12 -12.33
N LYS C 68 -19.21 -21.22 -12.91
CA LYS C 68 -19.65 -21.66 -14.23
C LYS C 68 -20.64 -22.81 -14.06
N LEU C 69 -21.35 -23.12 -15.16
CA LEU C 69 -22.24 -24.28 -15.14
C LEU C 69 -21.46 -25.55 -14.83
N GLU C 70 -20.22 -25.63 -15.30
CA GLU C 70 -19.40 -26.80 -15.09
C GLU C 70 -18.94 -26.93 -13.65
N ASP C 71 -19.27 -25.99 -12.77
CA ASP C 71 -18.96 -26.14 -11.37
C ASP C 71 -20.02 -26.91 -10.61
N GLU C 72 -21.15 -27.17 -11.23
CA GLU C 72 -22.18 -28.00 -10.63
C GLU C 72 -21.67 -29.43 -10.48
N GLY C 73 -21.98 -30.03 -9.35
CA GLY C 73 -21.51 -31.37 -9.07
C GLY C 73 -21.36 -31.59 -7.58
N GLU C 74 -20.70 -32.70 -7.25
CA GLU C 74 -20.58 -33.15 -5.87
C GLU C 74 -19.22 -32.72 -5.35
N TYR C 75 -19.25 -32.01 -4.22
CA TYR C 75 -18.07 -31.56 -3.51
C TYR C 75 -17.96 -32.36 -2.22
N THR C 76 -16.75 -32.80 -1.91
CA THR C 76 -16.47 -33.60 -0.74
C THR C 76 -15.42 -32.87 0.08
N SER C 77 -15.64 -32.75 1.38
CA SER C 77 -14.66 -32.15 2.27
C SER C 77 -13.98 -33.24 3.06
N MET C 78 -12.66 -33.13 3.21
CA MET C 78 -11.92 -34.13 3.98
C MET C 78 -11.03 -33.55 5.07
N ALA C 79 -11.20 -34.01 6.29
CA ALA C 79 -10.39 -33.59 7.42
C ALA C 79 -9.52 -34.72 7.89
N SER C 80 -8.24 -34.40 8.16
CA SER C 80 -7.24 -35.40 8.52
C SER C 80 -6.38 -34.89 9.66
N ASN C 81 -6.00 -35.78 10.56
CA ASN C 81 -4.87 -35.54 11.45
C ASN C 81 -4.22 -36.88 11.70
N ASP C 82 -3.27 -36.92 12.63
CA ASP C 82 -2.52 -38.14 12.86
C ASP C 82 -3.40 -39.29 13.32
N TYR C 83 -4.61 -39.02 13.83
CA TYR C 83 -5.44 -40.04 14.44
C TYR C 83 -6.69 -40.41 13.65
N GLY C 84 -6.87 -39.88 12.45
CA GLY C 84 -8.01 -40.32 11.68
C GLY C 84 -8.26 -39.40 10.50
N LYS C 85 -9.27 -39.78 9.75
CA LYS C 85 -9.73 -39.01 8.61
C LYS C 85 -11.24 -39.15 8.56
N THR C 86 -11.88 -38.10 8.04
CA THR C 86 -13.34 -38.03 7.90
C THR C 86 -13.65 -37.23 6.66
N ILE C 87 -14.74 -37.62 5.99
CA ILE C 87 -15.17 -36.94 4.78
C ILE C 87 -16.68 -36.76 4.82
N CYS C 88 -17.15 -35.70 4.19
CA CYS C 88 -18.57 -35.47 3.95
C CYS C 88 -18.71 -34.79 2.59
N SER C 89 -19.89 -34.93 1.98
CA SER C 89 -20.13 -34.48 0.63
C SER C 89 -21.49 -33.84 0.53
N ALA C 90 -21.62 -32.92 -0.42
CA ALA C 90 -22.88 -32.26 -0.72
C ALA C 90 -22.88 -31.94 -2.21
N TYR C 91 -24.02 -31.47 -2.70
CA TYR C 91 -24.20 -31.18 -4.12
C TYR C 91 -24.35 -29.68 -4.35
N LEU C 92 -23.56 -29.15 -5.28
CA LEU C 92 -23.67 -27.76 -5.72
C LEU C 92 -24.32 -27.70 -7.10
N LYS C 93 -25.51 -27.15 -7.19
CA LYS C 93 -26.14 -26.92 -8.48
C LYS C 93 -25.96 -25.46 -8.90
N ILE C 94 -25.58 -25.26 -10.16
CA ILE C 94 -25.41 -23.94 -10.76
C ILE C 94 -26.58 -23.75 -11.72
N ASN C 95 -27.41 -22.78 -11.42
CA ASN C 95 -28.57 -22.46 -12.24
C ASN C 95 -28.29 -21.44 -13.35
N SER C 96 -29.37 -21.09 -14.06
CA SER C 96 -29.34 -20.19 -15.19
C SER C 96 -28.46 -18.98 -15.09
N GLY D 2 38.73 11.00 6.29
CA GLY D 2 37.97 11.33 5.10
C GLY D 2 36.64 10.63 4.90
N THR D 3 35.56 11.22 5.44
CA THR D 3 34.20 10.74 5.24
C THR D 3 33.32 11.89 4.76
N GLY D 4 32.11 11.55 4.32
CA GLY D 4 31.18 12.49 3.74
C GLY D 4 30.72 13.54 4.71
N PRO D 5 30.10 14.60 4.19
CA PRO D 5 29.84 15.81 5.00
C PRO D 5 28.89 15.58 6.16
N ILE D 6 29.10 16.35 7.23
CA ILE D 6 28.30 16.30 8.43
C ILE D 6 27.82 17.71 8.77
N PHE D 7 26.50 17.85 8.98
CA PHE D 7 25.97 19.13 9.41
C PHE D 7 26.09 19.25 10.91
N ILE D 8 26.93 20.19 11.34
CA ILE D 8 26.97 20.60 12.75
C ILE D 8 25.76 21.46 13.08
N LYS D 9 25.36 22.35 12.17
CA LYS D 9 24.16 23.16 12.33
C LYS D 9 23.36 23.03 11.04
N GLU D 10 22.13 22.52 11.13
CA GLU D 10 21.21 22.34 10.01
C GLU D 10 20.38 23.60 9.82
N VAL D 11 19.87 23.78 8.61
CA VAL D 11 19.05 24.96 8.35
C VAL D 11 17.78 24.91 9.22
N SER D 12 17.33 26.08 9.66
CA SER D 12 16.15 26.24 10.51
C SER D 12 14.96 26.82 9.75
N ASN D 13 13.76 26.42 10.15
CA ASN D 13 12.53 27.02 9.66
C ASN D 13 12.46 28.47 10.12
N ALA D 14 11.85 29.33 9.33
CA ALA D 14 11.87 30.73 9.68
C ALA D 14 10.61 31.42 9.19
N ASP D 15 10.21 32.46 9.94
CA ASP D 15 9.15 33.37 9.53
C ASP D 15 9.72 34.77 9.42
N ILE D 16 9.51 35.36 8.25
CA ILE D 16 10.13 36.60 7.83
C ILE D 16 9.02 37.42 7.20
N SER D 17 8.92 38.69 7.58
CA SER D 17 7.91 39.56 6.99
C SER D 17 8.30 39.91 5.56
N MET D 18 7.32 39.86 4.67
CA MET D 18 7.58 40.22 3.27
C MET D 18 8.39 41.50 3.17
N GLY D 19 9.30 41.54 2.21
CA GLY D 19 10.19 42.66 2.06
C GLY D 19 11.44 42.59 2.90
N ASP D 20 11.43 41.83 4.00
CA ASP D 20 12.62 41.73 4.84
C ASP D 20 13.66 40.79 4.24
N VAL D 21 14.84 40.79 4.84
CA VAL D 21 15.95 39.93 4.43
C VAL D 21 15.80 38.59 5.12
N ALA D 22 15.94 37.51 4.36
CA ALA D 22 15.92 36.16 4.94
C ALA D 22 17.30 35.54 4.82
N THR D 23 17.75 34.97 5.93
CA THR D 23 19.04 34.30 6.00
C THR D 23 18.78 32.88 6.44
N LEU D 24 19.20 31.92 5.62
CA LEU D 24 19.19 30.51 5.94
C LEU D 24 20.65 30.07 6.05
N SER D 25 20.99 29.38 7.13
CA SER D 25 22.38 29.15 7.48
C SER D 25 22.59 27.71 7.91
N VAL D 26 23.77 27.18 7.59
CA VAL D 26 24.22 25.88 8.08
C VAL D 26 25.68 25.96 8.49
N THR D 27 26.09 24.98 9.29
CA THR D 27 27.49 24.78 9.61
C THR D 27 27.82 23.35 9.26
N VAL D 28 28.87 23.16 8.46
CA VAL D 28 29.19 21.85 7.92
C VAL D 28 30.69 21.59 8.02
N ILE D 29 31.03 20.33 8.32
CA ILE D 29 32.40 19.86 8.38
C ILE D 29 32.50 18.63 7.50
N GLY D 30 33.73 18.29 7.16
CA GLY D 30 34.00 17.15 6.32
C GLY D 30 35.41 17.16 5.79
N ILE D 31 35.86 16.03 5.30
CA ILE D 31 37.19 15.87 4.68
C ILE D 31 36.95 15.13 3.37
N PRO D 32 37.21 15.69 2.17
CA PRO D 32 37.66 17.07 2.02
C PRO D 32 36.61 18.13 2.39
N LYS D 33 37.02 19.38 2.53
CA LYS D 33 36.09 20.48 2.92
C LYS D 33 34.85 20.47 2.01
N PRO D 34 33.63 20.34 2.57
CA PRO D 34 32.45 20.28 1.74
C PRO D 34 32.03 21.60 1.05
N LYS D 35 31.50 21.51 -0.16
CA LYS D 35 30.89 22.65 -0.88
C LYS D 35 29.39 22.63 -0.60
N ILE D 36 28.73 23.76 -0.46
CA ILE D 36 27.30 23.84 -0.14
C ILE D 36 26.55 24.33 -1.36
N GLN D 37 25.45 23.67 -1.73
CA GLN D 37 24.55 24.18 -2.76
C GLN D 37 23.16 24.25 -2.17
N TRP D 38 22.28 25.00 -2.83
CA TRP D 38 20.95 25.24 -2.29
C TRP D 38 19.87 24.95 -3.31
N PHE D 39 18.74 24.44 -2.82
CA PHE D 39 17.56 24.14 -3.63
C PHE D 39 16.33 24.88 -3.06
N PHE D 40 15.42 25.23 -3.96
CA PHE D 40 14.10 25.78 -3.60
C PHE D 40 13.03 24.87 -4.19
N ASN D 41 12.21 24.28 -3.32
CA ASN D 41 11.22 23.29 -3.76
C ASN D 41 11.85 22.27 -4.72
N GLY D 42 13.01 21.75 -4.34
CA GLY D 42 13.62 20.71 -5.12
C GLY D 42 14.39 21.15 -6.33
N VAL D 43 14.43 22.45 -6.62
CA VAL D 43 15.11 22.96 -7.82
C VAL D 43 16.34 23.75 -7.37
N LEU D 44 17.49 23.42 -7.95
CA LEU D 44 18.76 24.00 -7.60
C LEU D 44 18.80 25.49 -7.91
N LEU D 45 19.26 26.27 -6.94
CA LEU D 45 19.41 27.69 -7.11
C LEU D 45 20.76 27.98 -7.77
N THR D 46 20.73 28.83 -8.79
CA THR D 46 21.87 29.36 -9.52
C THR D 46 22.07 30.82 -9.10
N PRO D 47 23.21 31.42 -9.48
CA PRO D 47 23.48 32.80 -9.02
C PRO D 47 22.44 33.79 -9.52
N SER D 48 22.08 34.74 -8.66
CA SER D 48 21.01 35.65 -8.99
C SER D 48 21.17 36.97 -8.25
N ALA D 49 20.49 38.01 -8.78
CA ALA D 49 20.47 39.31 -8.14
C ALA D 49 19.58 39.33 -6.90
N ASP D 50 18.71 38.35 -6.75
CA ASP D 50 17.76 38.32 -5.63
C ASP D 50 18.29 37.65 -4.37
N TYR D 51 19.33 36.82 -4.45
CA TYR D 51 19.84 36.18 -3.24
C TYR D 51 21.35 36.09 -3.36
N LYS D 52 22.01 35.97 -2.22
CA LYS D 52 23.46 35.84 -2.18
C LYS D 52 23.86 34.57 -1.43
N PHE D 53 24.90 33.91 -1.94
CA PHE D 53 25.51 32.77 -1.28
C PHE D 53 26.78 33.24 -0.60
N VAL D 54 26.88 33.03 0.70
CA VAL D 54 28.08 33.45 1.42
C VAL D 54 28.53 32.38 2.40
N PHE D 55 29.85 32.29 2.56
CA PHE D 55 30.41 31.37 3.53
C PHE D 55 31.69 31.95 4.11
N ASP D 56 32.00 31.51 5.33
CA ASP D 56 33.24 31.83 6.02
C ASP D 56 33.68 30.57 6.75
N GLY D 57 34.72 29.90 6.25
CA GLY D 57 35.12 28.67 6.91
C GLY D 57 34.05 27.60 6.80
N ASP D 58 33.55 27.13 7.93
CA ASP D 58 32.53 26.08 7.94
C ASP D 58 31.09 26.60 7.90
N ASP D 59 30.86 27.91 8.02
CA ASP D 59 29.53 28.47 8.08
C ASP D 59 29.11 28.90 6.68
N HIS D 60 27.89 28.54 6.27
CA HIS D 60 27.37 28.90 4.95
C HIS D 60 25.97 29.46 5.07
N SER D 61 25.67 30.48 4.27
CA SER D 61 24.36 31.09 4.32
C SER D 61 23.84 31.35 2.92
N LEU D 62 22.53 31.22 2.78
CA LEU D 62 21.76 31.75 1.66
C LEU D 62 21.02 32.98 2.16
N ILE D 63 21.20 34.11 1.48
CA ILE D 63 20.56 35.37 1.89
C ILE D 63 19.63 35.82 0.77
N ILE D 64 18.35 36.02 1.10
CA ILE D 64 17.35 36.51 0.15
C ILE D 64 17.12 37.99 0.42
N LEU D 65 17.44 38.84 -0.55
CA LEU D 65 17.61 40.26 -0.26
C LEU D 65 16.28 40.94 0.06
N PHE D 66 15.26 40.71 -0.77
CA PHE D 66 13.94 41.33 -0.62
C PHE D 66 12.88 40.25 -0.81
N THR D 67 12.41 39.67 0.29
CA THR D 67 11.52 38.54 0.19
C THR D 67 10.21 38.95 -0.45
N LYS D 68 9.79 38.17 -1.43
CA LYS D 68 8.44 38.22 -1.98
C LYS D 68 7.63 37.03 -1.48
N LEU D 69 6.32 37.13 -1.65
CA LEU D 69 5.43 36.03 -1.32
C LEU D 69 5.83 34.75 -2.06
N GLU D 70 6.35 34.87 -3.29
CA GLU D 70 6.76 33.75 -4.13
C GLU D 70 8.06 33.08 -3.65
N ASP D 71 8.69 33.59 -2.60
CA ASP D 71 9.89 32.99 -2.00
C ASP D 71 9.51 31.99 -0.92
N GLU D 72 8.23 31.93 -0.54
CA GLU D 72 7.79 30.96 0.47
C GLU D 72 7.89 29.54 -0.10
N GLY D 73 8.40 28.63 0.71
CA GLY D 73 8.60 27.26 0.27
C GLY D 73 9.69 26.55 1.05
N GLU D 74 10.10 25.43 0.48
CA GLU D 74 11.04 24.52 1.11
C GLU D 74 12.44 24.79 0.58
N TYR D 75 13.37 25.06 1.49
CA TYR D 75 14.76 25.30 1.11
C TYR D 75 15.60 24.13 1.60
N THR D 76 16.40 23.59 0.69
CA THR D 76 17.22 22.43 0.98
C THR D 76 18.68 22.83 0.84
N SER D 77 19.47 22.54 1.87
CA SER D 77 20.91 22.75 1.82
C SER D 77 21.58 21.42 1.53
N MET D 78 22.47 21.42 0.57
CA MET D 78 23.14 20.19 0.21
C MET D 78 24.64 20.38 0.32
N ALA D 79 25.28 19.52 1.11
CA ALA D 79 26.72 19.51 1.29
C ALA D 79 27.32 18.32 0.55
N SER D 80 28.42 18.58 -0.15
CA SER D 80 29.07 17.58 -0.98
C SER D 80 30.59 17.56 -0.79
N ASN D 81 31.17 16.36 -0.80
CA ASN D 81 32.61 16.25 -1.05
C ASN D 81 32.86 14.96 -1.83
N ASP D 82 34.14 14.61 -2.01
CA ASP D 82 34.42 13.46 -2.87
C ASP D 82 33.90 12.16 -2.30
N TYR D 83 33.57 12.12 -1.02
CA TYR D 83 33.15 10.88 -0.37
C TYR D 83 31.68 10.86 0.07
N GLY D 84 30.88 11.85 -0.28
CA GLY D 84 29.48 11.75 0.08
C GLY D 84 28.77 13.06 -0.10
N LYS D 85 27.48 13.01 0.24
CA LYS D 85 26.59 14.15 0.18
C LYS D 85 25.60 14.01 1.32
N THR D 86 25.11 15.15 1.80
CA THR D 86 24.20 15.21 2.92
C THR D 86 23.28 16.38 2.65
N ILE D 87 22.02 16.26 3.07
CA ILE D 87 21.05 17.33 2.82
C ILE D 87 20.27 17.55 4.10
N CYS D 88 19.81 18.76 4.29
CA CYS D 88 18.86 19.13 5.34
C CYS D 88 17.94 20.21 4.78
N SER D 89 16.75 20.31 5.35
CA SER D 89 15.72 21.14 4.77
C SER D 89 14.99 21.90 5.84
N ALA D 90 14.45 23.05 5.44
CA ALA D 90 13.62 23.87 6.30
C ALA D 90 12.60 24.58 5.42
N TYR D 91 11.62 25.17 6.09
CA TYR D 91 10.56 25.93 5.45
C TYR D 91 10.66 27.41 5.76
N LEU D 92 10.63 28.23 4.71
CA LEU D 92 10.59 29.69 4.85
C LEU D 92 9.15 30.17 4.62
N LYS D 93 8.49 30.64 5.69
CA LYS D 93 7.15 31.21 5.59
C LYS D 93 7.26 32.74 5.52
N ILE D 94 6.58 33.33 4.53
CA ILE D 94 6.64 34.77 4.30
C ILE D 94 5.28 35.42 4.60
N ASN D 95 5.26 36.29 5.60
CA ASN D 95 4.09 37.08 5.97
C ASN D 95 4.03 38.38 5.17
N SER D 96 2.83 38.76 4.78
CA SER D 96 2.61 39.99 4.02
C SER D 96 2.06 41.04 4.99
N THR E 3 -2.75 5.00 9.43
CA THR E 3 -3.94 5.81 9.70
C THR E 3 -4.29 6.83 8.60
N GLY E 4 -5.55 6.78 8.15
CA GLY E 4 -6.09 7.66 7.14
C GLY E 4 -6.58 9.00 7.70
N PRO E 5 -7.13 9.87 6.84
CA PRO E 5 -7.64 11.16 7.34
C PRO E 5 -8.71 10.92 8.39
N ILE E 6 -8.77 11.80 9.38
CA ILE E 6 -9.75 11.72 10.45
C ILE E 6 -10.53 13.03 10.44
N PHE E 7 -11.87 12.90 10.45
CA PHE E 7 -12.78 14.05 10.53
C PHE E 7 -12.88 14.44 12.00
N ILE E 8 -12.34 15.61 12.37
CA ILE E 8 -12.62 16.13 13.71
C ILE E 8 -14.06 16.61 13.79
N LYS E 9 -14.55 17.20 12.70
CA LYS E 9 -15.94 17.63 12.56
C LYS E 9 -16.48 17.12 11.23
N GLU E 10 -17.56 16.34 11.29
CA GLU E 10 -18.24 15.79 10.12
C GLU E 10 -19.30 16.78 9.65
N VAL E 11 -19.67 16.69 8.36
CA VAL E 11 -20.71 17.58 7.85
C VAL E 11 -22.01 17.36 8.64
N SER E 12 -22.80 18.43 8.80
CA SER E 12 -24.07 18.38 9.51
C SER E 12 -25.25 18.55 8.54
N ASN E 13 -26.39 17.95 8.90
CA ASN E 13 -27.62 18.26 8.16
C ASN E 13 -27.92 19.75 8.26
N ALA E 14 -28.65 20.26 7.26
CA ALA E 14 -29.00 21.67 7.21
C ALA E 14 -30.33 21.84 6.48
N ASP E 15 -31.08 22.84 6.91
CA ASP E 15 -32.23 23.33 6.14
C ASP E 15 -31.98 24.78 5.78
N ILE E 16 -32.22 25.11 4.54
CA ILE E 16 -31.88 26.42 4.01
C ILE E 16 -33.07 26.89 3.20
N SER E 17 -33.48 28.14 3.38
CA SER E 17 -34.59 28.61 2.57
C SER E 17 -34.11 28.82 1.14
N MET E 18 -34.93 28.39 0.19
CA MET E 18 -34.58 28.54 -1.22
C MET E 18 -34.06 29.95 -1.47
N GLY E 19 -33.03 30.05 -2.30
CA GLY E 19 -32.39 31.31 -2.59
C GLY E 19 -31.29 31.72 -1.61
N ASP E 20 -31.30 31.22 -0.41
CA ASP E 20 -30.25 31.58 0.51
C ASP E 20 -28.99 30.75 0.24
N VAL E 21 -27.89 31.15 0.89
CA VAL E 21 -26.60 30.48 0.76
C VAL E 21 -26.50 29.32 1.74
N ALA E 22 -26.00 28.18 1.26
CA ALA E 22 -25.76 27.01 2.09
C ALA E 22 -24.26 26.75 2.23
N THR E 23 -23.87 26.42 3.45
CA THR E 23 -22.48 26.12 3.78
C THR E 23 -22.45 24.77 4.47
N LEU E 24 -21.66 23.85 3.93
CA LEU E 24 -21.39 22.56 4.55
C LEU E 24 -19.92 22.51 4.93
N SER E 25 -19.65 22.12 6.15
CA SER E 25 -18.32 22.33 6.71
C SER E 25 -17.87 21.06 7.39
N VAL E 26 -16.56 20.80 7.29
CA VAL E 26 -15.89 19.73 8.00
C VAL E 26 -14.55 20.24 8.52
N THR E 27 -14.01 19.51 9.49
CA THR E 27 -12.65 19.70 9.96
C THR E 27 -11.94 18.36 9.92
N VAL E 28 -10.81 18.31 9.24
CA VAL E 28 -10.11 17.07 8.94
C VAL E 28 -8.64 17.28 9.27
N ILE E 29 -8.03 16.28 9.86
CA ILE E 29 -6.60 16.27 10.13
C ILE E 29 -6.02 14.97 9.61
N GLY E 30 -4.74 15.00 9.27
CA GLY E 30 -4.05 13.80 8.84
C GLY E 30 -2.69 14.09 8.26
N ILE E 31 -1.88 13.05 8.13
CA ILE E 31 -0.52 13.16 7.62
C ILE E 31 -0.36 12.21 6.44
N PRO E 32 -0.07 12.71 5.22
CA PRO E 32 0.01 14.13 4.82
C PRO E 32 -1.33 14.88 5.09
N LYS E 33 -1.35 16.19 4.91
CA LYS E 33 -2.58 16.99 5.10
C LYS E 33 -3.60 16.62 4.03
N PRO E 34 -4.81 16.20 4.40
CA PRO E 34 -5.73 15.66 3.39
C PRO E 34 -6.34 16.74 2.50
N LYS E 35 -6.54 16.38 1.24
CA LYS E 35 -7.41 17.10 0.34
C LYS E 35 -8.86 16.70 0.58
N ILE E 36 -9.78 17.65 0.35
CA ILE E 36 -11.21 17.42 0.53
C ILE E 36 -11.89 17.52 -0.83
N GLN E 37 -12.80 16.60 -1.12
CA GLN E 37 -13.65 16.66 -2.31
C GLN E 37 -15.09 16.42 -1.88
N TRP E 38 -16.04 16.82 -2.72
CA TRP E 38 -17.46 16.77 -2.37
C TRP E 38 -18.29 16.04 -3.41
N PHE E 39 -19.31 15.33 -2.93
CA PHE E 39 -20.26 14.63 -3.78
C PHE E 39 -21.68 15.11 -3.46
N PHE E 40 -22.54 15.14 -4.50
CA PHE E 40 -23.97 15.38 -4.38
C PHE E 40 -24.72 14.17 -4.94
N ASN E 41 -25.50 13.53 -4.08
CA ASN E 41 -26.19 12.31 -4.43
C ASN E 41 -25.26 11.31 -5.13
N GLY E 42 -24.08 11.14 -4.53
CA GLY E 42 -23.18 10.13 -5.03
C GLY E 42 -22.31 10.54 -6.20
N VAL E 43 -22.44 11.77 -6.70
CA VAL E 43 -21.73 12.20 -7.89
C VAL E 43 -20.75 13.33 -7.55
N LEU E 44 -19.48 13.16 -7.99
CA LEU E 44 -18.42 14.13 -7.65
C LEU E 44 -18.79 15.50 -8.17
N LEU E 45 -18.58 16.52 -7.34
CA LEU E 45 -18.85 17.89 -7.73
C LEU E 45 -17.61 18.51 -8.38
N THR E 46 -17.81 19.21 -9.49
CA THR E 46 -16.75 19.91 -10.20
C THR E 46 -16.82 21.42 -9.93
N PRO E 47 -15.76 22.15 -10.30
CA PRO E 47 -15.83 23.61 -10.16
C PRO E 47 -17.02 24.13 -10.95
N SER E 48 -17.69 25.13 -10.38
CA SER E 48 -18.94 25.63 -10.96
C SER E 48 -19.16 27.06 -10.49
N ALA E 49 -20.05 27.77 -11.19
CA ALA E 49 -20.42 29.11 -10.75
C ALA E 49 -21.34 29.06 -9.55
N ASP E 50 -21.94 27.92 -9.30
CA ASP E 50 -22.90 27.77 -8.20
C ASP E 50 -22.19 27.28 -6.94
N TYR E 51 -20.94 26.87 -7.01
CA TYR E 51 -20.25 26.28 -5.84
C TYR E 51 -18.91 26.96 -5.56
N LYS E 52 -18.65 27.27 -4.31
CA LYS E 52 -17.36 27.84 -3.87
C LYS E 52 -16.76 26.88 -2.84
N PHE E 53 -15.64 26.26 -3.16
CA PHE E 53 -14.91 25.40 -2.25
C PHE E 53 -13.82 26.24 -1.61
N VAL E 54 -13.85 26.33 -0.30
CA VAL E 54 -12.93 27.16 0.45
C VAL E 54 -12.40 26.37 1.63
N PHE E 55 -11.19 26.71 2.07
CA PHE E 55 -10.58 26.07 3.22
C PHE E 55 -9.74 27.10 3.99
N ASP E 56 -9.63 26.88 5.30
CA ASP E 56 -8.83 27.69 6.19
C ASP E 56 -8.27 26.72 7.22
N GLY E 57 -6.98 26.38 7.06
CA GLY E 57 -6.34 25.39 7.89
C GLY E 57 -6.92 23.99 7.72
N ASP E 58 -7.37 23.42 8.83
CA ASP E 58 -7.99 22.11 8.82
C ASP E 58 -9.47 22.18 8.47
N ASP E 59 -10.02 23.39 8.27
CA ASP E 59 -11.44 23.60 7.99
C ASP E 59 -11.68 23.71 6.49
N HIS E 60 -12.66 22.96 5.98
CA HIS E 60 -13.04 22.97 4.57
C HIS E 60 -14.53 23.14 4.51
N SER E 61 -15.00 23.96 3.56
CA SER E 61 -16.42 24.21 3.40
C SER E 61 -16.77 24.22 1.93
N LEU E 62 -17.97 23.73 1.65
CA LEU E 62 -18.66 23.88 0.37
C LEU E 62 -19.76 24.92 0.52
N ILE E 63 -19.75 25.91 -0.37
CA ILE E 63 -20.71 27.02 -0.36
C ILE E 63 -21.54 26.87 -1.64
N ILE E 64 -22.84 26.77 -1.47
CA ILE E 64 -23.77 26.78 -2.61
C ILE E 64 -24.35 28.17 -2.65
N LEU E 65 -24.12 28.87 -3.77
CA LEU E 65 -24.29 30.31 -3.75
C LEU E 65 -25.74 30.69 -3.54
N PHE E 66 -26.64 30.20 -4.38
CA PHE E 66 -28.08 30.55 -4.29
C PHE E 66 -28.86 29.26 -4.46
N THR E 67 -29.44 28.77 -3.38
CA THR E 67 -30.07 27.44 -3.35
C THR E 67 -31.25 27.35 -4.32
N LYS E 68 -31.42 26.20 -4.95
CA LYS E 68 -32.56 25.93 -5.85
C LYS E 68 -33.16 24.69 -5.21
N LEU E 69 -34.35 24.29 -5.62
CA LEU E 69 -35.01 23.10 -5.06
C LEU E 69 -34.18 21.88 -5.47
N GLU E 70 -33.49 21.95 -6.61
CA GLU E 70 -32.73 20.84 -7.10
C GLU E 70 -31.44 20.61 -6.33
N ASP E 71 -31.07 21.51 -5.41
CA ASP E 71 -29.88 21.32 -4.59
C ASP E 71 -30.16 20.51 -3.35
N GLU E 72 -31.42 20.22 -3.06
CA GLU E 72 -31.73 19.37 -1.93
C GLU E 72 -31.27 17.95 -2.22
N GLY E 73 -30.65 17.32 -1.24
CA GLY E 73 -30.12 15.98 -1.45
C GLY E 73 -28.98 15.70 -0.50
N GLU E 74 -28.27 14.61 -0.79
CA GLU E 74 -27.22 14.11 0.09
C GLU E 74 -25.84 14.57 -0.40
N TYR E 75 -25.12 15.21 0.50
CA TYR E 75 -23.76 15.68 0.24
C TYR E 75 -22.80 14.83 1.05
N THR E 76 -21.74 14.38 0.41
CA THR E 76 -20.72 13.56 1.05
C THR E 76 -19.42 14.34 0.94
N SER E 77 -18.66 14.48 2.03
CA SER E 77 -17.30 15.05 2.01
C SER E 77 -16.34 13.87 2.03
N MET E 78 -15.33 13.87 1.19
CA MET E 78 -14.29 12.81 1.15
C MET E 78 -12.92 13.43 1.38
N ALA E 79 -12.24 13.09 2.44
CA ALA E 79 -10.86 13.51 2.70
C ALA E 79 -9.95 12.43 2.12
N SER E 80 -8.89 12.77 1.42
CA SER E 80 -7.94 11.78 0.89
C SER E 80 -6.48 12.17 1.08
N ASN E 81 -5.62 11.27 1.53
CA ASN E 81 -4.17 11.44 1.42
C ASN E 81 -3.61 10.10 0.95
N ASP E 82 -2.28 10.03 0.81
CA ASP E 82 -1.66 8.83 0.27
C ASP E 82 -1.83 7.65 1.18
N TYR E 83 -2.28 7.85 2.41
CA TYR E 83 -2.42 6.77 3.36
C TYR E 83 -3.87 6.40 3.67
N GLY E 84 -4.85 6.96 2.97
CA GLY E 84 -6.22 6.54 3.20
C GLY E 84 -7.22 7.53 2.64
N LYS E 85 -8.49 7.18 2.84
CA LYS E 85 -9.63 8.01 2.49
C LYS E 85 -10.71 7.77 3.51
N THR E 86 -11.48 8.82 3.75
CA THR E 86 -12.52 8.83 4.78
C THR E 86 -13.69 9.62 4.22
N ILE E 87 -14.91 9.25 4.56
CA ILE E 87 -16.13 9.90 4.04
C ILE E 87 -17.13 10.14 5.16
N CYS E 88 -17.83 11.27 5.11
CA CYS E 88 -18.91 11.65 6.05
C CYS E 88 -20.03 12.17 5.13
N SER E 89 -21.30 12.01 5.45
CA SER E 89 -22.40 12.53 4.61
C SER E 89 -23.48 13.20 5.45
N ALA E 90 -24.22 14.11 4.85
CA ALA E 90 -25.29 14.86 5.50
C ALA E 90 -26.40 15.16 4.49
N TYR E 91 -27.55 15.59 4.93
CA TYR E 91 -28.69 15.96 4.09
C TYR E 91 -28.90 17.48 4.14
N LEU E 92 -28.96 18.07 2.97
CA LEU E 92 -29.27 19.49 2.81
C LEU E 92 -30.71 19.55 2.33
N LYS E 93 -31.60 20.04 3.19
CA LYS E 93 -33.00 20.28 2.84
C LYS E 93 -33.19 21.73 2.42
N ILE E 94 -33.91 21.94 1.31
CA ILE E 94 -34.17 23.27 0.75
C ILE E 94 -35.65 23.62 1.00
N ASN E 95 -35.90 24.66 1.80
CA ASN E 95 -37.27 25.09 2.11
C ASN E 95 -37.83 26.03 1.05
N SER E 96 -39.06 25.75 0.60
CA SER E 96 -39.66 26.49 -0.50
C SER E 96 -40.88 27.32 -0.12
N LYS E 97 -41.03 27.72 1.13
CA LYS E 97 -42.23 28.46 1.53
C LYS E 97 -42.30 29.83 0.84
N GLY F 2 22.67 -27.47 23.95
CA GLY F 2 22.77 -27.46 22.49
C GLY F 2 21.84 -28.43 21.79
N THR F 3 20.96 -27.91 20.93
CA THR F 3 19.96 -28.70 20.23
C THR F 3 20.07 -28.49 18.72
N GLY F 4 19.67 -29.52 17.98
CA GLY F 4 19.79 -29.51 16.55
C GLY F 4 18.74 -28.67 15.85
N PRO F 5 19.07 -28.23 14.63
CA PRO F 5 18.22 -27.25 13.94
C PRO F 5 16.83 -27.77 13.55
N ILE F 6 15.85 -26.88 13.71
CA ILE F 6 14.46 -27.16 13.39
C ILE F 6 13.92 -26.04 12.51
N PHE F 7 13.25 -26.40 11.41
CA PHE F 7 12.57 -25.43 10.58
C PHE F 7 11.16 -25.24 11.10
N ILE F 8 10.86 -24.06 11.63
CA ILE F 8 9.48 -23.68 12.03
C ILE F 8 8.79 -23.27 10.73
N LYS F 9 9.53 -22.62 9.84
CA LYS F 9 9.04 -22.24 8.50
C LYS F 9 9.95 -22.90 7.46
N GLU F 10 9.42 -23.83 6.68
CA GLU F 10 10.17 -24.50 5.59
C GLU F 10 10.14 -23.59 4.36
N VAL F 11 11.15 -23.67 3.50
CA VAL F 11 11.16 -22.88 2.29
C VAL F 11 9.97 -23.28 1.45
N SER F 12 9.34 -22.28 0.84
CA SER F 12 8.14 -22.50 0.06
C SER F 12 8.44 -22.29 -1.41
N ASN F 13 7.67 -22.99 -2.22
CA ASN F 13 7.68 -22.82 -3.65
C ASN F 13 7.29 -21.38 -3.95
N ALA F 14 7.76 -20.87 -5.10
CA ALA F 14 7.49 -19.51 -5.54
C ALA F 14 7.45 -19.55 -7.07
N ASP F 15 6.60 -18.70 -7.66
CA ASP F 15 6.57 -18.47 -9.10
C ASP F 15 6.87 -17.00 -9.39
N ILE F 16 7.86 -16.73 -10.23
CA ILE F 16 8.42 -15.40 -10.43
C ILE F 16 8.58 -15.12 -11.92
N SER F 17 8.20 -13.91 -12.34
CA SER F 17 8.41 -13.49 -13.73
C SER F 17 9.87 -13.20 -13.99
N MET F 18 10.39 -13.66 -15.14
CA MET F 18 11.77 -13.37 -15.50
C MET F 18 12.01 -11.86 -15.38
N GLY F 19 13.21 -11.49 -14.92
CA GLY F 19 13.52 -10.10 -14.71
C GLY F 19 13.14 -9.55 -13.35
N ASP F 20 12.16 -10.16 -12.66
CA ASP F 20 11.78 -9.77 -11.31
C ASP F 20 12.71 -10.43 -10.27
N VAL F 21 12.55 -9.95 -9.01
CA VAL F 21 13.29 -10.41 -7.84
C VAL F 21 12.61 -11.66 -7.27
N ALA F 22 13.40 -12.64 -6.88
CA ALA F 22 12.91 -13.84 -6.23
C ALA F 22 13.49 -13.89 -4.83
N THR F 23 12.68 -14.25 -3.84
CA THR F 23 13.17 -14.40 -2.47
C THR F 23 12.73 -15.76 -1.96
N LEU F 24 13.68 -16.52 -1.44
CA LEU F 24 13.44 -17.77 -0.72
C LEU F 24 13.85 -17.53 0.72
N SER F 25 13.01 -17.95 1.64
CA SER F 25 13.16 -17.57 3.04
C SER F 25 12.86 -18.72 3.98
N VAL F 26 13.62 -18.79 5.05
CA VAL F 26 13.33 -19.72 6.13
C VAL F 26 13.52 -19.01 7.46
N THR F 27 12.89 -19.57 8.48
CA THR F 27 13.25 -19.27 9.87
C THR F 27 13.46 -20.59 10.59
N VAL F 28 14.59 -20.66 11.29
CA VAL F 28 15.10 -21.88 11.89
C VAL F 28 15.46 -21.55 13.33
N ILE F 29 15.18 -22.49 14.25
CA ILE F 29 15.44 -22.34 15.67
C ILE F 29 16.36 -23.46 16.10
N GLY F 30 17.21 -23.17 17.08
CA GLY F 30 18.14 -24.17 17.58
C GLY F 30 19.29 -23.65 18.42
N ILE F 31 19.94 -24.51 19.20
CA ILE F 31 20.99 -24.10 20.15
C ILE F 31 22.21 -24.92 19.93
N PRO F 32 23.40 -24.28 19.60
CA PRO F 32 23.55 -22.86 19.30
C PRO F 32 22.66 -22.49 18.09
N LYS F 33 22.48 -21.22 17.78
CA LYS F 33 21.67 -20.77 16.62
C LYS F 33 22.23 -21.37 15.34
N PRO F 34 21.42 -22.13 14.57
CA PRO F 34 21.93 -22.76 13.38
C PRO F 34 22.41 -21.77 12.34
N LYS F 35 23.50 -22.04 11.63
CA LYS F 35 23.96 -21.22 10.48
C LYS F 35 23.12 -21.69 9.29
N ILE F 36 23.09 -20.96 8.17
CA ILE F 36 22.24 -21.29 7.00
C ILE F 36 23.06 -21.22 5.72
N GLN F 37 23.03 -22.26 4.90
CA GLN F 37 23.63 -22.30 3.58
C GLN F 37 22.57 -22.70 2.57
N TRP F 38 22.87 -22.38 1.32
CA TRP F 38 21.88 -22.55 0.27
C TRP F 38 22.49 -23.33 -0.87
N PHE F 39 21.68 -24.17 -1.47
CA PHE F 39 22.08 -24.91 -2.64
C PHE F 39 21.10 -24.66 -3.77
N PHE F 40 21.64 -24.67 -4.97
CA PHE F 40 20.81 -24.66 -6.17
C PHE F 40 21.07 -25.92 -6.96
N ASN F 41 20.04 -26.71 -7.19
CA ASN F 41 20.18 -27.96 -7.90
C ASN F 41 21.35 -28.75 -7.35
N GLY F 42 21.38 -28.83 -6.02
CA GLY F 42 22.36 -29.64 -5.34
C GLY F 42 23.73 -29.02 -5.17
N VAL F 43 23.95 -27.81 -5.67
CA VAL F 43 25.27 -27.20 -5.62
C VAL F 43 25.24 -25.99 -4.68
N LEU F 44 26.18 -25.97 -3.74
CA LEU F 44 26.24 -24.91 -2.74
C LEU F 44 26.43 -23.56 -3.41
N LEU F 45 25.64 -22.59 -2.98
CA LEU F 45 25.73 -21.22 -3.47
C LEU F 45 26.67 -20.42 -2.58
N THR F 46 27.51 -19.60 -3.21
CA THR F 46 28.41 -18.68 -2.52
C THR F 46 28.01 -17.20 -2.70
N PRO F 47 28.56 -16.29 -1.90
CA PRO F 47 28.25 -14.87 -2.12
C PRO F 47 28.68 -14.48 -3.52
N SER F 48 27.83 -13.73 -4.19
CA SER F 48 28.03 -13.40 -5.60
C SER F 48 27.23 -12.14 -5.89
N ALA F 49 27.53 -11.50 -7.02
CA ALA F 49 26.69 -10.39 -7.46
C ALA F 49 25.35 -10.92 -7.97
N ASP F 50 25.26 -12.21 -8.26
CA ASP F 50 24.04 -12.81 -8.78
C ASP F 50 23.13 -13.26 -7.65
N TYR F 51 23.68 -13.55 -6.48
CA TYR F 51 22.89 -14.00 -5.35
C TYR F 51 23.14 -13.07 -4.19
N LYS F 52 22.11 -12.84 -3.40
CA LYS F 52 22.20 -11.96 -2.25
C LYS F 52 21.69 -12.74 -1.06
N PHE F 53 22.44 -12.70 0.03
CA PHE F 53 22.05 -13.39 1.26
C PHE F 53 21.83 -12.40 2.38
N VAL F 54 20.66 -12.45 3.00
CA VAL F 54 20.36 -11.56 4.10
C VAL F 54 19.76 -12.41 5.20
N PHE F 55 19.99 -12.01 6.44
CA PHE F 55 19.44 -12.70 7.60
C PHE F 55 19.16 -11.68 8.69
N ASP F 56 18.15 -11.98 9.51
CA ASP F 56 17.84 -11.15 10.66
C ASP F 56 17.20 -11.98 11.77
N GLY F 57 17.89 -12.10 12.88
CA GLY F 57 17.38 -12.93 13.98
C GLY F 57 17.38 -14.38 13.57
N ASP F 58 16.22 -15.02 13.71
CA ASP F 58 16.10 -16.42 13.31
C ASP F 58 15.79 -16.59 11.83
N ASP F 59 15.54 -15.47 11.11
CA ASP F 59 15.09 -15.51 9.74
C ASP F 59 16.26 -15.38 8.78
N HIS F 60 16.18 -16.13 7.69
CA HIS F 60 17.21 -16.08 6.65
C HIS F 60 16.53 -16.04 5.30
N SER F 61 17.17 -15.35 4.36
CA SER F 61 16.63 -15.28 3.02
C SER F 61 17.73 -15.33 1.97
N LEU F 62 17.41 -15.98 0.87
CA LEU F 62 18.19 -15.95 -0.36
C LEU F 62 17.42 -15.08 -1.35
N ILE F 63 18.09 -14.09 -1.96
CA ILE F 63 17.47 -13.21 -2.94
C ILE F 63 18.17 -13.26 -4.29
N ILE F 64 17.37 -13.31 -5.37
CA ILE F 64 17.87 -13.15 -6.73
C ILE F 64 17.24 -11.93 -7.41
N LEU F 65 18.08 -10.95 -7.80
CA LEU F 65 17.57 -9.65 -8.22
C LEU F 65 16.95 -9.68 -9.61
N PHE F 66 17.65 -10.21 -10.61
CA PHE F 66 17.10 -10.17 -11.96
C PHE F 66 17.03 -11.63 -12.40
N THR F 67 15.91 -12.29 -12.10
CA THR F 67 15.85 -13.73 -12.30
C THR F 67 15.99 -14.01 -13.79
N LYS F 68 16.87 -14.96 -14.14
CA LYS F 68 16.99 -15.52 -15.47
C LYS F 68 16.29 -16.86 -15.55
N LEU F 69 16.01 -17.29 -16.78
CA LEU F 69 15.31 -18.55 -16.99
C LEU F 69 16.07 -19.68 -16.33
N GLU F 70 17.40 -19.60 -16.34
CA GLU F 70 18.25 -20.63 -15.76
C GLU F 70 18.24 -20.59 -14.25
N ASP F 71 17.47 -19.70 -13.63
CA ASP F 71 17.35 -19.75 -12.17
C ASP F 71 16.25 -20.69 -11.71
N GLU F 72 15.43 -21.18 -12.64
CA GLU F 72 14.35 -22.10 -12.29
C GLU F 72 14.93 -23.41 -11.82
N GLY F 73 14.38 -23.95 -10.73
CA GLY F 73 14.89 -25.19 -10.19
C GLY F 73 14.68 -25.30 -8.70
N GLU F 74 15.38 -26.28 -8.11
CA GLU F 74 15.18 -26.68 -6.72
C GLU F 74 16.25 -26.04 -5.85
N TYR F 75 15.77 -25.32 -4.85
CA TYR F 75 16.64 -24.62 -3.89
C TYR F 75 16.53 -25.37 -2.57
N THR F 76 17.65 -25.59 -1.94
CA THR F 76 17.74 -26.29 -0.68
C THR F 76 18.39 -25.35 0.31
N SER F 77 17.77 -25.20 1.47
CA SER F 77 18.40 -24.48 2.56
C SER F 77 18.89 -25.49 3.57
N MET F 78 20.08 -25.27 4.10
CA MET F 78 20.63 -26.17 5.10
C MET F 78 21.02 -25.45 6.37
N ALA F 79 20.47 -25.91 7.49
CA ALA F 79 20.79 -25.38 8.82
C ALA F 79 21.76 -26.33 9.52
N SER F 80 22.90 -25.80 9.97
CA SER F 80 24.00 -26.58 10.49
C SER F 80 24.54 -25.95 11.77
N ASN F 81 24.92 -26.80 12.72
CA ASN F 81 25.73 -26.36 13.84
C ASN F 81 26.52 -27.55 14.38
N ASP F 82 27.11 -27.37 15.55
CA ASP F 82 27.88 -28.42 16.22
C ASP F 82 27.03 -29.64 16.59
N TYR F 83 25.70 -29.51 16.66
CA TYR F 83 24.83 -30.59 17.14
C TYR F 83 23.78 -31.12 16.15
N GLY F 84 23.86 -30.82 14.86
CA GLY F 84 22.82 -31.28 13.93
C GLY F 84 22.85 -30.64 12.57
N LYS F 85 22.05 -31.18 11.65
CA LYS F 85 21.93 -30.60 10.30
C LYS F 85 20.53 -30.94 9.80
N THR F 86 19.83 -29.97 9.26
CA THR F 86 18.46 -30.15 8.76
C THR F 86 18.42 -29.49 7.39
N ILE F 87 17.57 -29.98 6.50
CA ILE F 87 17.50 -29.42 5.13
C ILE F 87 16.05 -29.41 4.70
N CYS F 88 15.67 -28.35 4.01
CA CYS F 88 14.32 -28.24 3.40
C CYS F 88 14.55 -27.81 1.96
N SER F 89 13.60 -28.00 1.09
CA SER F 89 13.74 -27.74 -0.35
C SER F 89 12.42 -27.26 -0.93
N ALA F 90 12.48 -26.41 -1.95
CA ALA F 90 11.32 -25.87 -2.65
C ALA F 90 11.68 -25.67 -4.11
N TYR F 91 10.72 -25.39 -4.94
CA TYR F 91 10.91 -25.17 -6.36
C TYR F 91 10.65 -23.70 -6.72
N LEU F 92 11.61 -23.09 -7.41
CA LEU F 92 11.44 -21.75 -7.94
C LEU F 92 11.14 -21.90 -9.43
N LYS F 93 9.91 -21.57 -9.79
CA LYS F 93 9.48 -21.51 -11.18
C LYS F 93 9.62 -20.07 -11.71
N ILE F 94 10.21 -19.94 -12.90
CA ILE F 94 10.37 -18.65 -13.58
C ILE F 94 9.43 -18.65 -14.80
N ASN F 95 8.51 -17.69 -14.84
CA ASN F 95 7.64 -17.47 -15.99
C ASN F 95 8.33 -16.48 -16.92
N SER F 96 8.39 -16.79 -18.20
CA SER F 96 9.02 -15.90 -19.16
C SER F 96 8.18 -15.85 -20.43
N LYS F 97 8.54 -14.94 -21.32
CA LYS F 97 7.80 -14.75 -22.57
C LYS F 97 8.83 -14.67 -23.68
N GLY F 98 8.38 -14.90 -24.90
CA GLY F 98 9.29 -14.89 -26.03
C GLY F 98 8.79 -15.78 -27.16
N GLU F 99 9.73 -16.29 -27.94
CA GLU F 99 9.41 -17.04 -29.16
C GLU F 99 10.03 -18.43 -29.11
N GLY F 100 9.22 -19.43 -28.77
CA GLY F 100 9.67 -20.82 -28.68
C GLY F 100 8.54 -21.84 -28.69
#